data_3PEI
#
_entry.id   3PEI
#
_cell.length_a   161.483
_cell.length_b   161.483
_cell.length_c   105.270
_cell.angle_alpha   90.00
_cell.angle_beta   90.00
_cell.angle_gamma   120.00
#
_symmetry.space_group_name_H-M   'P 63 2 2'
#
loop_
_entity.id
_entity.type
_entity.pdbx_description
1 polymer 'Cytosol aminopeptidase'
2 non-polymer 'POTASSIUM ION'
3 non-polymer 1,2-ETHANEDIOL
4 non-polymer DI(HYDROXYETHYL)ETHER
5 non-polymer 'CHLORIDE ION'
6 non-polymer 'FORMIC ACID'
7 non-polymer 'SULFATE ION'
8 water water
#
_entity_poly.entity_id   1
_entity_poly.type   'polypeptide(L)'
_entity_poly.pdbx_seq_one_letter_code
;(MSE)(MSE)KIVVNNQSTLAAEL(MSE)IVAQENLQKLVEQTKCPNSKALLDRRIFKAKSGEVLPLLHGDKIVILLGLG
LRQDFIASEYDKIIAKAAEQLKKLAIKEISVDIDYAFENDNVKQFTLDTVRALISETYVFDQLKTEKENYSLEQIELVYS
GDQDIEDSAKIGSAIACGQNYAKDLQNLPANICTTDY(MSE)LNEARELTSKYATFSLDYLDQDA(MSE)AELG(MSE)G
CALAVGRGSY(MSE)SNYTVC(MSE)EYKGGNEGDAPIVLVGKGLVFDNGGICIKQAAG(MSE)DS(MSE)K(MSE)D
(MSE)GGVAAV(MSE)GT(MSE)KAIA(MSE)LNLPVNVVGV(MSE)GLAENAVDARSYRPGDVLKS(MSE)KGITVEVS
NTDAEGRLVLCDTLTYIGKYKPKAVIDLATLTGA(MSE)IISLGDAYSG(MSE)FANSDKLANSLEQAANASNDLIWRLP
LHKPYLKKIESKVAD(MSE)DNCGRDRSAGSIVAALFLSKFTEDYEWAHLDIAGSA(MSE)GDFASCKASGRPVPLLVHY
LISQAKENLYFQ
;
_entity_poly.pdbx_strand_id   A
#
loop_
_chem_comp.id
_chem_comp.type
_chem_comp.name
_chem_comp.formula
CL non-polymer 'CHLORIDE ION' 'Cl -1'
EDO non-polymer 1,2-ETHANEDIOL 'C2 H6 O2'
FMT non-polymer 'FORMIC ACID' 'C H2 O2'
K non-polymer 'POTASSIUM ION' 'K 1'
PEG non-polymer DI(HYDROXYETHYL)ETHER 'C4 H10 O3'
SO4 non-polymer 'SULFATE ION' 'O4 S -2'
#
# COMPACT_ATOMS: atom_id res chain seq x y z
N MSE A 1 12.12 0.38 20.42
CA MSE A 1 11.30 -0.07 19.30
C MSE A 1 10.63 -1.43 19.58
O MSE A 1 10.54 -1.88 20.71
CB MSE A 1 12.14 -0.15 18.02
CG MSE A 1 13.18 -1.25 18.06
SE MSE A 1 14.41 -1.25 16.57
CE MSE A 1 13.18 -1.64 15.11
N MSE A 2 10.16 -2.03 18.50
CA MSE A 2 9.53 -3.35 18.49
C MSE A 2 10.60 -4.46 18.40
O MSE A 2 11.48 -4.43 17.53
CB MSE A 2 8.56 -3.39 17.30
CG MSE A 2 8.14 -4.75 16.82
SE MSE A 2 6.41 -5.30 17.53
CE MSE A 2 5.41 -3.66 17.13
N LYS A 3 10.51 -5.42 19.30
CA LYS A 3 11.42 -6.56 19.27
C LYS A 3 10.77 -7.72 18.54
N ILE A 4 11.35 -8.17 17.45
CA ILE A 4 10.90 -9.39 16.80
C ILE A 4 11.97 -10.48 16.86
N VAL A 5 11.68 -11.57 17.54
CA VAL A 5 12.60 -12.70 17.61
C VAL A 5 11.88 -14.00 17.28
N VAL A 6 12.69 -15.04 17.09
CA VAL A 6 12.16 -16.32 16.66
C VAL A 6 12.70 -17.33 17.63
N ASN A 7 11.89 -18.31 17.98
CA ASN A 7 12.32 -19.28 18.96
C ASN A 7 11.54 -20.57 18.75
N ASN A 8 11.99 -21.64 19.38
CA ASN A 8 11.33 -22.90 19.18
C ASN A 8 10.46 -23.31 20.35
N GLN A 9 10.36 -22.42 21.32
CA GLN A 9 9.36 -22.59 22.37
C GLN A 9 8.87 -21.23 22.83
N SER A 10 7.82 -21.21 23.65
CA SER A 10 7.25 -19.94 24.06
C SER A 10 7.74 -19.56 25.47
N THR A 11 8.22 -18.33 25.62
CA THR A 11 8.84 -17.91 26.88
C THR A 11 8.30 -16.58 27.44
N LEU A 12 7.30 -15.99 26.77
CA LEU A 12 6.70 -14.75 27.25
C LEU A 12 5.46 -15.06 28.09
N ALA A 13 4.91 -14.03 28.73
CA ALA A 13 3.85 -14.24 29.71
C ALA A 13 2.47 -14.41 29.09
N ALA A 14 2.37 -14.07 27.80
CA ALA A 14 1.13 -14.35 27.10
C ALA A 14 1.46 -15.05 25.81
N GLU A 15 0.54 -15.92 25.39
CA GLU A 15 0.77 -16.69 24.19
C GLU A 15 -0.46 -16.72 23.28
N LEU A 16 -0.20 -16.68 21.98
CA LEU A 16 -1.23 -16.72 20.97
C LEU A 16 -0.98 -17.95 20.15
N MSE A 17 -1.90 -18.89 20.25
CA MSE A 17 -1.83 -20.17 19.58
C MSE A 17 -2.65 -20.11 18.31
O MSE A 17 -3.86 -19.96 18.38
CB MSE A 17 -2.50 -21.19 20.47
CG MSE A 17 -1.90 -22.54 20.37
SE MSE A 17 -0.65 -22.67 21.83
CE MSE A 17 -1.78 -23.72 23.03
N ILE A 18 -2.02 -20.20 17.15
CA ILE A 18 -2.77 -20.12 15.90
C ILE A 18 -3.04 -21.53 15.39
N VAL A 19 -4.31 -21.92 15.38
CA VAL A 19 -4.67 -23.32 15.27
C VAL A 19 -5.53 -23.67 14.06
N ALA A 20 -4.97 -24.47 13.15
CA ALA A 20 -5.76 -25.06 12.06
C ALA A 20 -6.77 -26.06 12.66
N GLN A 21 -7.99 -26.07 12.14
CA GLN A 21 -9.01 -26.95 12.69
C GLN A 21 -8.61 -28.43 12.65
N GLU A 22 -7.97 -28.85 11.56
CA GLU A 22 -7.47 -30.22 11.51
C GLU A 22 -6.43 -30.56 12.59
N ASN A 23 -5.82 -29.55 13.21
CA ASN A 23 -4.87 -29.81 14.30
C ASN A 23 -5.38 -29.60 15.71
N LEU A 24 -6.66 -29.28 15.83
CA LEU A 24 -7.25 -29.00 17.14
C LEU A 24 -7.05 -30.16 18.11
N GLN A 25 -7.39 -31.36 17.66
CA GLN A 25 -7.32 -32.53 18.51
C GLN A 25 -5.89 -32.74 19.00
N LYS A 26 -4.94 -32.71 18.09
CA LYS A 26 -3.54 -32.88 18.44
C LYS A 26 -3.11 -31.86 19.47
N LEU A 27 -3.59 -30.63 19.33
CA LEU A 27 -3.27 -29.57 20.28
C LEU A 27 -3.84 -29.93 21.64
N VAL A 28 -5.03 -30.49 21.63
CA VAL A 28 -5.70 -30.86 22.86
C VAL A 28 -4.92 -31.93 23.62
N GLU A 29 -4.38 -32.91 22.90
CA GLU A 29 -3.62 -33.97 23.55
C GLU A 29 -2.36 -33.43 24.20
N GLN A 30 -1.66 -32.54 23.50
CA GLN A 30 -0.43 -31.95 24.03
C GLN A 30 -0.69 -31.09 25.26
N THR A 31 -1.79 -30.36 25.25
CA THR A 31 -2.15 -29.52 26.38
C THR A 31 -1.79 -30.17 27.70
N LEU A 40 -14.83 -28.86 29.92
CA LEU A 40 -14.61 -29.25 28.54
C LEU A 40 -13.57 -28.38 27.87
N ASP A 41 -12.38 -28.33 28.48
CA ASP A 41 -11.22 -27.73 27.84
C ASP A 41 -11.27 -28.14 26.38
N ARG A 42 -11.72 -29.38 26.17
CA ARG A 42 -11.84 -29.98 24.85
C ARG A 42 -12.90 -29.29 23.99
N ARG A 43 -14.14 -29.26 24.49
CA ARG A 43 -15.30 -29.00 23.64
C ARG A 43 -15.53 -27.54 23.23
N ILE A 44 -15.03 -26.61 24.04
CA ILE A 44 -15.45 -25.19 24.04
C ILE A 44 -15.03 -24.34 22.83
N PHE A 45 -13.80 -24.55 22.39
CA PHE A 45 -13.21 -23.87 21.25
C PHE A 45 -13.11 -24.92 20.14
N LYS A 46 -13.61 -24.59 18.96
CA LYS A 46 -13.60 -25.54 17.85
C LYS A 46 -12.64 -25.16 16.72
N ALA A 47 -11.87 -24.10 16.92
CA ALA A 47 -10.88 -23.65 15.94
C ALA A 47 -11.50 -23.26 14.61
N LYS A 48 -12.65 -22.62 14.66
CA LYS A 48 -13.29 -22.15 13.45
C LYS A 48 -12.61 -20.87 12.97
N SER A 49 -12.69 -20.58 11.68
CA SER A 49 -12.00 -19.41 11.14
C SER A 49 -12.34 -18.16 11.92
N GLY A 50 -11.35 -17.56 12.59
CA GLY A 50 -11.52 -16.32 13.32
C GLY A 50 -12.04 -16.45 14.74
N GLU A 51 -12.30 -17.68 15.17
CA GLU A 51 -12.78 -17.92 16.52
C GLU A 51 -11.65 -17.65 17.51
N VAL A 52 -11.97 -17.04 18.65
CA VAL A 52 -10.97 -16.60 19.62
C VAL A 52 -11.36 -16.94 21.03
N LEU A 53 -10.44 -17.56 21.76
CA LEU A 53 -10.76 -17.92 23.11
C LEU A 53 -9.59 -17.59 24.02
N PRO A 54 -9.76 -16.59 24.88
CA PRO A 54 -8.69 -16.27 25.81
C PRO A 54 -8.84 -17.09 27.07
N LEU A 55 -7.78 -17.85 27.39
CA LEU A 55 -7.66 -18.65 28.60
C LEU A 55 -6.73 -17.93 29.55
N LEU A 56 -7.30 -17.36 30.59
CA LEU A 56 -6.51 -16.61 31.54
C LEU A 56 -6.30 -17.49 32.75
N HIS A 57 -6.49 -18.79 32.56
CA HIS A 57 -6.40 -19.74 33.65
C HIS A 57 -4.99 -19.82 34.25
N GLY A 58 -3.99 -20.14 33.43
CA GLY A 58 -2.64 -20.19 33.91
C GLY A 58 -2.23 -18.82 34.43
N ASP A 59 -1.07 -18.73 35.05
CA ASP A 59 -0.53 -17.43 35.40
C ASP A 59 -0.21 -16.65 34.11
N LYS A 60 0.13 -17.41 33.07
CA LYS A 60 0.35 -16.81 31.76
C LYS A 60 -0.91 -16.93 30.91
N ILE A 61 -1.23 -15.87 30.19
CA ILE A 61 -2.45 -15.85 29.37
C ILE A 61 -2.23 -16.59 28.07
N VAL A 62 -3.24 -17.32 27.63
CA VAL A 62 -3.17 -18.07 26.38
C VAL A 62 -4.37 -17.75 25.52
N ILE A 63 -4.14 -17.23 24.32
CA ILE A 63 -5.23 -16.94 23.42
C ILE A 63 -5.23 -17.89 22.25
N LEU A 64 -6.35 -18.59 22.05
CA LEU A 64 -6.47 -19.49 20.92
C LEU A 64 -7.21 -18.81 19.81
N LEU A 65 -6.68 -18.95 18.61
CA LEU A 65 -7.22 -18.34 17.40
C LEU A 65 -7.35 -19.42 16.34
N GLY A 66 -8.54 -19.62 15.80
CA GLY A 66 -8.78 -20.68 14.85
C GLY A 66 -8.61 -20.26 13.40
N LEU A 67 -8.30 -21.22 12.55
CA LEU A 67 -8.16 -20.94 11.14
C LEU A 67 -9.22 -21.65 10.31
N GLY A 68 -10.04 -22.51 10.91
CA GLY A 68 -10.91 -23.35 10.10
C GLY A 68 -10.10 -24.38 9.31
N LEU A 69 -10.71 -24.95 8.27
CA LEU A 69 -10.06 -26.01 7.47
C LEU A 69 -9.27 -25.47 6.31
N ARG A 70 -8.27 -26.22 5.89
CA ARG A 70 -7.38 -25.77 4.81
C ARG A 70 -8.17 -25.43 3.55
N GLN A 71 -9.14 -26.28 3.21
CA GLN A 71 -9.90 -26.10 2.00
C GLN A 71 -10.82 -24.90 2.03
N ASP A 72 -11.02 -24.26 3.18
CA ASP A 72 -11.91 -23.09 3.22
C ASP A 72 -11.15 -21.80 3.41
N PHE A 73 -9.83 -21.92 3.43
CA PHE A 73 -8.97 -20.84 3.85
C PHE A 73 -8.57 -19.92 2.71
N ILE A 74 -8.95 -18.66 2.82
CA ILE A 74 -8.53 -17.69 1.83
C ILE A 74 -7.49 -16.84 2.49
N ALA A 75 -6.25 -17.00 2.04
CA ALA A 75 -5.12 -16.30 2.61
C ALA A 75 -5.27 -14.78 2.59
N SER A 76 -5.92 -14.25 1.56
CA SER A 76 -6.01 -12.80 1.42
C SER A 76 -6.89 -12.21 2.55
N GLU A 77 -7.59 -13.09 3.26
CA GLU A 77 -8.47 -12.69 4.35
C GLU A 77 -7.82 -12.85 5.73
N TYR A 78 -6.55 -13.26 5.75
CA TYR A 78 -5.88 -13.60 7.00
C TYR A 78 -5.81 -12.43 8.01
N ASP A 79 -5.63 -11.20 7.51
CA ASP A 79 -5.65 -10.02 8.37
C ASP A 79 -6.94 -9.91 9.17
N LYS A 80 -8.06 -10.28 8.55
CA LYS A 80 -9.35 -10.20 9.22
C LYS A 80 -9.38 -11.18 10.37
N ILE A 81 -8.70 -12.32 10.22
CA ILE A 81 -8.63 -13.30 11.30
C ILE A 81 -7.70 -12.85 12.42
N ILE A 82 -6.49 -12.44 12.05
CA ILE A 82 -5.57 -11.90 13.03
C ILE A 82 -6.23 -10.72 13.76
N ALA A 83 -7.03 -9.93 13.07
CA ALA A 83 -7.70 -8.80 13.70
C ALA A 83 -8.40 -9.22 15.00
N LYS A 84 -9.04 -10.39 14.97
CA LYS A 84 -9.76 -10.93 16.13
C LYS A 84 -8.85 -11.10 17.35
N ALA A 85 -7.67 -11.67 17.14
CA ALA A 85 -6.67 -11.77 18.20
C ALA A 85 -6.19 -10.38 18.63
N ALA A 86 -5.98 -9.50 17.67
CA ALA A 86 -5.48 -8.17 18.00
C ALA A 86 -6.44 -7.39 18.93
N GLU A 87 -7.75 -7.58 18.78
CA GLU A 87 -8.67 -6.95 19.71
C GLU A 87 -8.43 -7.47 21.11
N GLN A 88 -8.27 -8.77 21.26
CA GLN A 88 -7.98 -9.35 22.58
C GLN A 88 -6.68 -8.85 23.16
N LEU A 89 -5.64 -8.75 22.33
CA LEU A 89 -4.38 -8.22 22.79
C LEU A 89 -4.57 -6.83 23.40
N LYS A 90 -5.24 -5.94 22.66
CA LYS A 90 -5.47 -4.58 23.15
C LYS A 90 -6.34 -4.62 24.41
N LYS A 91 -7.42 -5.39 24.38
CA LYS A 91 -8.33 -5.46 25.49
C LYS A 91 -7.66 -5.96 26.76
N LEU A 92 -6.79 -6.95 26.65
CA LEU A 92 -6.10 -7.49 27.83
C LEU A 92 -4.79 -6.77 28.10
N ALA A 93 -4.52 -5.76 27.28
CA ALA A 93 -3.32 -4.93 27.46
C ALA A 93 -2.01 -5.71 27.37
N ILE A 94 -1.99 -6.74 26.54
CA ILE A 94 -0.80 -7.57 26.37
C ILE A 94 0.18 -6.90 25.42
N LYS A 95 1.38 -6.62 25.90
CA LYS A 95 2.38 -5.94 25.08
C LYS A 95 3.51 -6.87 24.59
N GLU A 96 3.70 -7.99 25.27
N GLU A 96 3.67 -8.00 25.26
CA GLU A 96 4.65 -9.01 24.83
CA GLU A 96 4.62 -9.00 24.79
C GLU A 96 3.88 -10.32 24.53
C GLU A 96 3.91 -10.33 24.54
N ILE A 97 4.01 -10.83 23.30
CA ILE A 97 3.26 -12.02 22.92
C ILE A 97 4.12 -13.06 22.17
N SER A 98 4.06 -14.32 22.61
CA SER A 98 4.62 -15.43 21.87
C SER A 98 3.58 -15.90 20.89
N VAL A 99 3.96 -16.10 19.64
CA VAL A 99 2.99 -16.51 18.66
C VAL A 99 3.39 -17.87 18.17
N ASP A 100 2.67 -18.88 18.62
CA ASP A 100 2.99 -20.23 18.24
C ASP A 100 2.26 -20.56 16.96
N ILE A 101 3.01 -20.94 15.93
CA ILE A 101 2.39 -21.34 14.67
C ILE A 101 2.55 -22.82 14.32
N ASP A 102 2.95 -23.64 15.29
CA ASP A 102 3.16 -25.06 15.00
C ASP A 102 1.86 -25.81 14.70
N TYR A 103 0.72 -25.23 15.07
CA TYR A 103 -0.56 -25.92 14.87
C TYR A 103 -1.36 -25.36 13.70
N ALA A 104 -0.74 -24.46 12.95
CA ALA A 104 -1.35 -23.93 11.73
C ALA A 104 -1.25 -25.03 10.66
N PHE A 105 -1.45 -24.65 9.39
CA PHE A 105 -1.45 -25.63 8.31
C PHE A 105 -0.09 -26.19 7.98
N GLU A 106 -0.02 -27.51 7.86
CA GLU A 106 1.20 -28.19 7.47
C GLU A 106 1.60 -27.84 6.04
N ASN A 107 0.60 -27.75 5.18
CA ASN A 107 0.81 -27.46 3.76
C ASN A 107 1.43 -26.10 3.47
N ASP A 108 0.98 -25.08 4.19
CA ASP A 108 1.42 -23.73 3.93
C ASP A 108 2.92 -23.65 4.09
N ASN A 109 3.58 -22.89 3.23
CA ASN A 109 5.00 -22.70 3.40
C ASN A 109 5.21 -21.71 4.54
N VAL A 110 6.04 -22.10 5.48
CA VAL A 110 6.24 -21.38 6.72
C VAL A 110 6.80 -19.99 6.56
N LYS A 111 7.72 -19.81 5.62
CA LYS A 111 8.34 -18.51 5.43
C LYS A 111 7.28 -17.43 5.16
N GLN A 112 6.43 -17.64 4.14
CA GLN A 112 5.41 -16.66 3.83
C GLN A 112 4.39 -16.56 4.99
N PHE A 113 4.07 -17.67 5.61
CA PHE A 113 3.10 -17.61 6.70
C PHE A 113 3.65 -16.82 7.88
N THR A 114 4.93 -17.04 8.21
CA THR A 114 5.63 -16.24 9.20
C THR A 114 5.61 -14.75 8.87
N LEU A 115 6.02 -14.38 7.66
CA LEU A 115 6.01 -13.00 7.17
C LEU A 115 4.63 -12.38 7.35
N ASP A 116 3.59 -13.09 6.90
CA ASP A 116 2.21 -12.63 7.00
C ASP A 116 1.65 -12.47 8.42
N THR A 117 2.00 -13.40 9.30
CA THR A 117 1.54 -13.39 10.69
C THR A 117 2.13 -12.20 11.43
N VAL A 118 3.42 -12.00 11.28
CA VAL A 118 4.09 -10.86 11.87
C VAL A 118 3.53 -9.58 11.31
N ARG A 119 3.46 -9.48 9.99
CA ARG A 119 2.87 -8.29 9.36
C ARG A 119 1.46 -8.01 9.85
N ALA A 120 0.58 -9.00 9.82
CA ALA A 120 -0.81 -8.75 10.20
C ALA A 120 -0.94 -8.34 11.68
N LEU A 121 -0.15 -8.97 12.54
CA LEU A 121 -0.20 -8.62 13.96
C LEU A 121 0.16 -7.18 14.23
N ILE A 122 1.21 -6.70 13.56
CA ILE A 122 1.68 -5.35 13.78
C ILE A 122 0.72 -4.39 13.10
N SER A 123 0.23 -4.80 11.94
CA SER A 123 -0.74 -3.97 11.24
C SER A 123 -2.07 -3.87 12.01
N GLU A 124 -2.57 -4.99 12.51
CA GLU A 124 -3.89 -4.97 13.12
C GLU A 124 -3.93 -4.41 14.54
N THR A 125 -2.77 -4.20 15.15
CA THR A 125 -2.74 -3.58 16.46
C THR A 125 -2.41 -2.11 16.38
N TYR A 126 -2.48 -1.58 15.17
CA TYR A 126 -2.27 -0.16 14.91
C TYR A 126 -3.30 0.74 15.63
N VAL A 127 -2.85 1.85 16.19
CA VAL A 127 -3.77 2.83 16.76
C VAL A 127 -3.44 4.23 16.30
N PHE A 128 -4.47 5.03 16.06
CA PHE A 128 -4.28 6.43 15.71
C PHE A 128 -4.91 7.30 16.78
N ASP A 129 -4.09 7.94 17.60
CA ASP A 129 -4.59 8.84 18.64
C ASP A 129 -3.84 10.16 18.66
N GLN A 130 -3.26 10.53 17.52
CA GLN A 130 -2.44 11.72 17.41
C GLN A 130 -3.20 13.00 17.74
N LEU A 131 -4.45 13.04 17.31
CA LEU A 131 -5.26 14.25 17.45
C LEU A 131 -6.30 14.13 18.57
N LYS A 132 -6.23 13.03 19.31
CA LYS A 132 -7.13 12.80 20.42
C LYS A 132 -6.51 13.30 21.71
N THR A 133 -7.36 13.63 22.66
CA THR A 133 -6.91 14.09 23.95
C THR A 133 -6.60 12.86 24.82
N GLU A 134 -7.53 11.91 24.85
CA GLU A 134 -7.30 10.63 25.52
C GLU A 134 -6.47 9.68 24.65
N LYS A 135 -5.31 9.28 25.17
CA LYS A 135 -4.42 8.40 24.44
C LYS A 135 -4.75 6.95 24.78
N GLU A 136 -4.56 6.05 23.81
CA GLU A 136 -4.76 4.62 24.04
C GLU A 136 -3.61 4.03 24.86
N ASN A 137 -2.40 4.56 24.66
CA ASN A 137 -1.19 3.98 25.25
C ASN A 137 -1.10 2.47 25.08
N TYR A 138 -1.33 1.99 23.87
CA TYR A 138 -1.18 0.58 23.62
C TYR A 138 -0.40 0.33 22.36
N SER A 139 0.51 -0.63 22.45
N SER A 139 0.56 -0.58 22.45
CA SER A 139 1.36 -1.03 21.33
CA SER A 139 1.22 -1.11 21.28
C SER A 139 2.07 -2.33 21.67
C SER A 139 2.01 -2.35 21.66
N LEU A 140 2.31 -3.17 20.66
CA LEU A 140 3.10 -4.36 20.87
C LEU A 140 4.54 -3.95 21.01
N GLU A 141 5.20 -4.48 22.02
CA GLU A 141 6.59 -4.17 22.27
C GLU A 141 7.47 -5.34 21.84
N GLN A 142 6.89 -6.53 21.88
CA GLN A 142 7.61 -7.75 21.51
C GLN A 142 6.73 -8.88 20.99
N ILE A 143 7.15 -9.44 19.86
CA ILE A 143 6.61 -10.68 19.31
C ILE A 143 7.71 -11.75 19.25
N GLU A 144 7.46 -12.87 19.91
CA GLU A 144 8.38 -14.00 19.83
C GLU A 144 7.64 -15.00 18.99
N LEU A 145 8.09 -15.16 17.75
CA LEU A 145 7.50 -16.16 16.88
C LEU A 145 8.01 -17.56 17.24
N VAL A 146 7.09 -18.45 17.59
CA VAL A 146 7.44 -19.80 18.05
C VAL A 146 7.20 -20.87 16.97
N TYR A 147 8.28 -21.52 16.56
CA TYR A 147 8.20 -22.49 15.46
C TYR A 147 9.24 -23.59 15.67
N SER A 148 8.80 -24.84 15.52
CA SER A 148 9.62 -26.00 15.87
C SER A 148 10.27 -26.67 14.68
N GLY A 149 9.91 -26.25 13.48
CA GLY A 149 10.42 -26.88 12.27
C GLY A 149 11.83 -26.47 11.88
N ASP A 150 12.21 -26.91 10.69
CA ASP A 150 13.59 -26.87 10.26
C ASP A 150 13.86 -25.72 9.30
N GLN A 151 12.79 -25.04 8.89
CA GLN A 151 12.90 -23.90 7.99
C GLN A 151 13.49 -22.66 8.67
N ASP A 152 14.23 -21.88 7.91
CA ASP A 152 14.79 -20.64 8.43
C ASP A 152 13.78 -19.50 8.26
N ILE A 153 13.20 -19.04 9.35
CA ILE A 153 12.17 -18.04 9.24
C ILE A 153 12.53 -16.68 9.81
N GLU A 154 13.78 -16.47 10.18
CA GLU A 154 14.19 -15.25 10.84
C GLU A 154 13.95 -14.07 9.93
N ASP A 155 14.36 -14.20 8.67
CA ASP A 155 14.30 -13.07 7.78
C ASP A 155 12.88 -12.72 7.40
N SER A 156 12.09 -13.75 7.14
CA SER A 156 10.68 -13.59 6.94
C SER A 156 10.03 -12.74 8.01
N ALA A 157 10.41 -12.95 9.26
CA ALA A 157 9.84 -12.14 10.33
C ALA A 157 10.28 -10.68 10.21
N LYS A 158 11.52 -10.47 9.81
CA LYS A 158 12.08 -9.14 9.72
C LYS A 158 11.35 -8.35 8.63
N ILE A 159 11.14 -9.00 7.49
CA ILE A 159 10.43 -8.41 6.36
C ILE A 159 8.97 -8.09 6.66
N GLY A 160 8.25 -9.04 7.24
CA GLY A 160 6.88 -8.81 7.60
C GLY A 160 6.80 -7.65 8.57
N SER A 161 7.78 -7.55 9.45
CA SER A 161 7.85 -6.44 10.37
C SER A 161 8.03 -5.10 9.63
N ALA A 162 8.98 -5.04 8.70
CA ALA A 162 9.26 -3.81 7.95
C ALA A 162 8.04 -3.36 7.17
N ILE A 163 7.43 -4.30 6.45
CA ILE A 163 6.23 -4.01 5.70
C ILE A 163 5.13 -3.44 6.61
N ALA A 164 4.85 -4.11 7.73
CA ALA A 164 3.81 -3.61 8.63
C ALA A 164 4.15 -2.21 9.15
N CYS A 165 5.44 -1.95 9.32
CA CYS A 165 5.86 -0.61 9.71
C CYS A 165 5.51 0.44 8.62
N GLY A 166 5.77 0.11 7.35
CA GLY A 166 5.35 0.91 6.23
C GLY A 166 3.82 1.05 6.05
N GLN A 167 3.06 -0.03 6.28
CA GLN A 167 1.61 0.06 6.16
C GLN A 167 1.07 1.02 7.23
N ASN A 168 1.63 0.91 8.44
CA ASN A 168 1.14 1.77 9.50
C ASN A 168 1.48 3.22 9.25
N TYR A 169 2.64 3.44 8.66
CA TYR A 169 3.01 4.80 8.32
C TYR A 169 2.04 5.32 7.27
N ALA A 170 1.80 4.53 6.22
CA ALA A 170 0.76 4.88 5.25
C ALA A 170 -0.59 5.17 5.90
N LYS A 171 -1.01 4.34 6.84
CA LYS A 171 -2.26 4.60 7.54
C LYS A 171 -2.25 5.96 8.26
N ASP A 172 -1.14 6.31 8.91
CA ASP A 172 -1.01 7.60 9.56
C ASP A 172 -1.26 8.71 8.59
N LEU A 173 -0.58 8.67 7.45
CA LEU A 173 -0.76 9.71 6.45
C LEU A 173 -2.19 9.72 5.86
N GLN A 174 -2.83 8.57 5.68
CA GLN A 174 -4.20 8.61 5.16
C GLN A 174 -5.16 9.16 6.22
N ASN A 175 -4.82 8.98 7.49
CA ASN A 175 -5.74 9.31 8.56
C ASN A 175 -5.70 10.77 8.95
N LEU A 176 -4.60 11.46 8.65
CA LEU A 176 -4.47 12.89 8.91
C LEU A 176 -5.51 13.68 8.12
N PRO A 177 -6.07 14.71 8.74
CA PRO A 177 -7.05 15.57 8.07
C PRO A 177 -6.33 16.55 7.14
N ALA A 178 -7.05 17.06 6.14
CA ALA A 178 -6.42 17.79 5.05
C ALA A 178 -5.78 19.08 5.54
N ASN A 179 -6.32 19.63 6.63
CA ASN A 179 -5.83 20.88 7.19
C ASN A 179 -4.54 20.69 7.98
N ILE A 180 -4.29 19.47 8.41
CA ILE A 180 -3.00 19.10 8.97
C ILE A 180 -2.07 18.54 7.90
N CYS A 181 -2.63 17.72 7.01
CA CYS A 181 -1.85 17.11 5.95
C CYS A 181 -1.77 18.00 4.71
N THR A 182 -1.06 19.12 4.84
CA THR A 182 -0.88 20.04 3.74
C THR A 182 0.25 19.58 2.82
N THR A 183 0.32 20.15 1.63
CA THR A 183 1.43 19.85 0.71
C THR A 183 2.77 20.15 1.39
N ASP A 184 2.85 21.20 2.20
CA ASP A 184 4.06 21.43 2.97
C ASP A 184 4.30 20.32 3.97
N TYR A 185 3.24 19.86 4.62
CA TYR A 185 3.40 18.79 5.58
C TYR A 185 4.04 17.59 4.91
N MSE A 186 3.53 17.25 3.71
CA MSE A 186 4.00 16.08 3.00
C MSE A 186 5.44 16.25 2.54
O MSE A 186 6.20 15.29 2.50
CB MSE A 186 3.14 15.79 1.77
CG MSE A 186 1.82 15.10 2.06
SE MSE A 186 1.93 13.48 3.16
CE MSE A 186 3.38 12.49 2.25
N LEU A 187 5.78 17.48 2.15
CA LEU A 187 7.11 17.76 1.67
C LEU A 187 8.08 17.56 2.85
N ASN A 188 7.70 18.09 4.01
CA ASN A 188 8.47 17.85 5.23
C ASN A 188 8.60 16.36 5.61
N GLU A 189 7.55 15.55 5.40
CA GLU A 189 7.67 14.12 5.66
C GLU A 189 8.73 13.51 4.77
N ALA A 190 8.75 13.92 3.51
CA ALA A 190 9.76 13.42 2.60
C ALA A 190 11.15 13.86 3.08
N ARG A 191 11.27 15.09 3.56
CA ARG A 191 12.54 15.53 4.12
C ARG A 191 12.96 14.68 5.34
N GLU A 192 12.04 14.44 6.25
N GLU A 192 12.05 14.47 6.27
CA GLU A 192 12.38 13.71 7.45
CA GLU A 192 12.36 13.68 7.45
C GLU A 192 12.72 12.25 7.14
C GLU A 192 12.83 12.30 7.02
N LEU A 193 12.03 11.66 6.19
CA LEU A 193 12.34 10.30 5.76
C LEU A 193 13.68 10.25 5.02
N THR A 194 13.95 11.21 4.16
CA THR A 194 15.20 11.09 3.43
C THR A 194 16.37 11.40 4.34
N SER A 195 16.18 12.25 5.35
CA SER A 195 17.28 12.56 6.25
C SER A 195 17.76 11.33 7.08
N LYS A 196 16.90 10.32 7.24
CA LYS A 196 17.20 9.18 8.10
C LYS A 196 18.07 8.06 7.52
N TYR A 197 18.41 8.14 6.24
CA TYR A 197 19.14 7.06 5.60
C TYR A 197 20.14 7.60 4.62
N ALA A 198 21.42 7.24 4.75
CA ALA A 198 22.40 7.68 3.75
C ALA A 198 22.04 7.33 2.28
N THR A 199 21.26 6.27 2.07
CA THR A 199 20.89 5.83 0.73
C THR A 199 19.86 6.73 0.05
N PHE A 200 19.23 7.61 0.83
CA PHE A 200 18.19 8.50 0.31
C PHE A 200 18.73 9.85 -0.18
N SER A 201 18.08 10.45 -1.18
CA SER A 201 18.35 11.84 -1.53
C SER A 201 17.03 12.45 -1.95
N LEU A 202 16.92 13.76 -1.81
CA LEU A 202 15.69 14.43 -2.08
C LEU A 202 15.86 15.48 -3.16
N ASP A 203 15.09 15.33 -4.22
CA ASP A 203 14.96 16.40 -5.17
C ASP A 203 13.50 16.80 -5.25
N TYR A 204 13.21 18.07 -5.45
CA TYR A 204 11.83 18.40 -5.75
C TYR A 204 11.66 19.67 -6.56
N LEU A 205 10.52 19.77 -7.24
CA LEU A 205 10.16 21.00 -7.91
C LEU A 205 9.08 21.72 -7.15
N ASP A 206 9.28 23.02 -6.96
CA ASP A 206 8.20 23.92 -6.57
C ASP A 206 7.44 24.37 -7.82
N GLN A 207 6.49 25.26 -7.65
CA GLN A 207 5.68 25.77 -8.75
C GLN A 207 6.48 26.43 -9.85
N ASP A 208 7.49 27.21 -9.44
CA ASP A 208 8.30 27.96 -10.41
C ASP A 208 9.05 27.02 -11.34
N ALA A 209 9.75 26.07 -10.75
CA ALA A 209 10.43 25.02 -11.48
C ALA A 209 9.45 24.26 -12.37
N MSE A 210 8.28 23.94 -11.84
CA MSE A 210 7.27 23.18 -12.59
C MSE A 210 6.77 23.99 -13.78
O MSE A 210 6.45 23.43 -14.85
CB MSE A 210 6.10 22.80 -11.68
CG MSE A 210 6.44 21.73 -10.66
SE MSE A 210 4.99 21.24 -9.46
CE MSE A 210 3.75 20.42 -10.78
N ALA A 211 6.69 25.30 -13.60
CA ALA A 211 6.22 26.15 -14.67
C ALA A 211 7.28 26.31 -15.78
N GLU A 212 8.55 26.28 -15.39
N GLU A 212 8.55 26.28 -15.38
CA GLU A 212 9.62 26.31 -16.39
CA GLU A 212 9.63 26.31 -16.36
C GLU A 212 9.59 25.05 -17.25
C GLU A 212 9.58 25.06 -17.24
N LEU A 213 9.17 23.93 -16.67
CA LEU A 213 9.09 22.68 -17.41
C LEU A 213 7.81 22.57 -18.25
N GLY A 214 6.91 23.54 -18.13
CA GLY A 214 5.64 23.49 -18.82
C GLY A 214 4.62 22.48 -18.29
N MSE A 215 4.65 22.21 -16.99
CA MSE A 215 3.72 21.26 -16.40
C MSE A 215 2.31 21.86 -16.18
O MSE A 215 1.85 22.08 -15.04
CB MSE A 215 4.31 20.67 -15.12
CG MSE A 215 5.51 19.80 -15.41
SE MSE A 215 6.47 19.24 -13.80
CE MSE A 215 5.24 17.83 -13.17
N GLY A 216 1.62 22.06 -17.30
CA GLY A 216 0.39 22.85 -17.34
C GLY A 216 -0.81 22.14 -16.76
N CYS A 217 -0.82 20.83 -16.88
CA CYS A 217 -1.89 20.06 -16.30
C CYS A 217 -1.85 20.07 -14.77
N ALA A 218 -0.68 19.75 -14.21
CA ALA A 218 -0.57 19.66 -12.74
C ALA A 218 -0.71 21.05 -12.10
N LEU A 219 -0.06 22.05 -12.67
CA LEU A 219 -0.14 23.39 -12.12
C LEU A 219 -1.56 23.93 -12.11
N ALA A 220 -2.38 23.51 -13.07
CA ALA A 220 -3.74 24.02 -13.18
C ALA A 220 -4.63 23.53 -12.03
N VAL A 221 -4.37 22.31 -11.56
CA VAL A 221 -5.15 21.70 -10.49
C VAL A 221 -5.03 22.48 -9.16
N GLY A 222 -3.82 22.93 -8.86
CA GLY A 222 -3.63 23.81 -7.73
C GLY A 222 -3.76 25.30 -7.97
N ARG A 223 -3.88 25.75 -9.22
CA ARG A 223 -3.87 27.18 -9.55
C ARG A 223 -4.58 28.07 -8.52
N GLY A 224 -5.77 27.68 -8.10
CA GLY A 224 -6.56 28.47 -7.16
C GLY A 224 -6.18 28.43 -5.68
N SER A 225 -5.37 27.45 -5.28
CA SER A 225 -5.13 27.16 -3.86
C SER A 225 -4.00 27.95 -3.18
N TYR A 226 -4.00 27.91 -1.86
N TYR A 226 -4.03 27.91 -1.85
CA TYR A 226 -2.93 28.55 -1.09
CA TYR A 226 -2.99 28.53 -1.03
C TYR A 226 -1.75 27.59 -0.90
C TYR A 226 -1.79 27.58 -0.94
N MSE A 227 -2.07 26.30 -0.76
CA MSE A 227 -1.06 25.25 -0.73
C MSE A 227 -0.37 25.12 -2.09
O MSE A 227 -1.04 24.87 -3.08
CB MSE A 227 -1.70 23.90 -0.41
CG MSE A 227 -2.32 23.76 0.95
SE MSE A 227 -2.96 21.92 1.08
CE MSE A 227 -4.11 22.11 2.65
N SER A 228 0.95 25.24 -2.10
CA SER A 228 1.74 25.09 -3.30
C SER A 228 1.77 23.64 -3.86
N ASN A 229 1.76 23.50 -5.18
CA ASN A 229 2.14 22.24 -5.85
C ASN A 229 3.61 21.91 -5.59
N TYR A 230 3.94 20.63 -5.60
CA TYR A 230 5.31 20.17 -5.51
C TYR A 230 5.38 18.86 -6.24
N THR A 231 6.50 18.58 -6.91
CA THR A 231 6.75 17.24 -7.41
C THR A 231 7.95 16.74 -6.63
N VAL A 232 7.74 15.80 -5.72
CA VAL A 232 8.76 15.42 -4.77
C VAL A 232 9.37 14.09 -5.12
N CYS A 233 10.70 14.02 -5.20
CA CYS A 233 11.38 12.77 -5.58
C CYS A 233 12.33 12.27 -4.52
N MSE A 234 12.05 11.09 -3.99
CA MSE A 234 12.93 10.45 -3.05
C MSE A 234 13.75 9.39 -3.76
O MSE A 234 13.26 8.30 -4.02
CB MSE A 234 12.11 9.83 -1.93
CG MSE A 234 11.46 10.87 -1.03
SE MSE A 234 10.09 10.06 0.09
CE MSE A 234 8.59 10.07 -1.21
N GLU A 235 14.99 9.71 -4.07
CA GLU A 235 15.84 8.73 -4.74
C GLU A 235 16.51 7.82 -3.73
N TYR A 236 16.17 6.54 -3.81
CA TYR A 236 16.77 5.55 -2.95
C TYR A 236 17.80 4.74 -3.75
N LYS A 237 19.07 5.05 -3.50
CA LYS A 237 20.13 4.44 -4.29
C LYS A 237 20.70 3.19 -3.63
N GLY A 238 19.84 2.20 -3.45
CA GLY A 238 20.22 0.89 -2.93
C GLY A 238 21.11 0.05 -3.82
N GLY A 239 20.84 0.11 -5.11
CA GLY A 239 21.53 -0.67 -6.13
C GLY A 239 22.81 -0.06 -6.66
N ASN A 240 23.37 -0.71 -7.67
CA ASN A 240 24.59 -0.23 -8.31
C ASN A 240 24.34 1.10 -9.00
N GLU A 241 25.34 1.98 -8.97
CA GLU A 241 25.20 3.28 -9.59
C GLU A 241 25.03 3.14 -11.10
N GLY A 242 24.13 3.94 -11.65
CA GLY A 242 23.82 3.92 -13.06
C GLY A 242 22.78 2.91 -13.52
N ASP A 243 22.40 1.97 -12.65
CA ASP A 243 21.36 1.00 -12.97
C ASP A 243 19.99 1.67 -12.93
N ALA A 244 19.17 1.37 -13.94
CA ALA A 244 17.91 2.09 -14.11
C ALA A 244 17.01 1.87 -12.91
N PRO A 245 16.44 2.96 -12.39
CA PRO A 245 15.59 2.87 -11.19
C PRO A 245 14.19 2.42 -11.54
N ILE A 246 13.54 1.81 -10.56
CA ILE A 246 12.11 1.59 -10.61
C ILE A 246 11.46 2.85 -10.02
N VAL A 247 10.51 3.43 -10.75
CA VAL A 247 9.89 4.64 -10.27
C VAL A 247 8.48 4.35 -9.80
N LEU A 248 8.17 4.73 -8.55
CA LEU A 248 6.81 4.63 -8.04
C LEU A 248 6.20 6.00 -8.02
N VAL A 249 5.09 6.19 -8.72
CA VAL A 249 4.46 7.50 -8.77
C VAL A 249 3.16 7.51 -7.99
N GLY A 250 3.04 8.46 -7.08
CA GLY A 250 1.89 8.56 -6.21
C GLY A 250 1.13 9.85 -6.42
N LYS A 251 -0.19 9.76 -6.39
CA LYS A 251 -1.01 10.94 -6.57
C LYS A 251 -1.46 11.38 -5.19
N GLY A 252 -1.15 12.63 -4.87
CA GLY A 252 -1.48 13.16 -3.57
C GLY A 252 -2.20 14.48 -3.70
N LEU A 253 -3.44 14.41 -4.13
CA LEU A 253 -4.26 15.59 -4.28
C LEU A 253 -4.98 15.77 -2.97
N VAL A 254 -4.67 16.85 -2.27
CA VAL A 254 -5.31 17.11 -0.99
C VAL A 254 -6.77 17.42 -1.24
N PHE A 255 -7.63 16.90 -0.39
CA PHE A 255 -9.07 17.18 -0.52
C PHE A 255 -9.61 16.80 -1.92
N ASP A 256 -9.37 15.57 -2.35
CA ASP A 256 -9.81 15.12 -3.66
C ASP A 256 -11.18 14.42 -3.55
N ASN A 257 -12.02 14.55 -4.57
CA ASN A 257 -13.37 13.97 -4.54
C ASN A 257 -13.76 13.16 -5.80
N GLY A 258 -14.46 12.04 -5.60
CA GLY A 258 -14.90 11.21 -6.70
C GLY A 258 -16.29 10.60 -6.50
N MSE A 271 -18.19 11.11 -2.81
CA MSE A 271 -17.24 10.43 -1.92
C MSE A 271 -15.79 10.92 -2.08
O MSE A 271 -15.39 11.35 -3.18
CB MSE A 271 -17.28 8.93 -2.14
CG MSE A 271 -16.67 8.52 -3.47
SE MSE A 271 -15.73 6.81 -3.36
CE MSE A 271 -16.69 5.91 -4.80
N LYS A 272 -15.00 10.82 -1.02
CA LYS A 272 -13.67 11.44 -0.95
C LYS A 272 -12.49 10.50 -1.29
N MSE A 273 -11.61 10.95 -2.17
CA MSE A 273 -10.42 10.21 -2.64
C MSE A 273 -9.13 10.62 -1.89
O MSE A 273 -8.53 11.66 -2.19
CB MSE A 273 -10.20 10.41 -4.15
CG MSE A 273 -11.38 10.07 -5.06
SE MSE A 273 -11.58 8.16 -5.48
CE MSE A 273 -12.82 7.58 -4.09
N ASP A 274 -8.68 9.79 -0.96
CA ASP A 274 -7.66 10.23 -0.01
C ASP A 274 -6.20 10.27 -0.51
N MSE A 275 -5.29 10.34 0.44
CA MSE A 275 -3.87 10.46 0.14
C MSE A 275 -3.20 9.14 -0.16
O MSE A 275 -1.98 9.08 -0.25
CB MSE A 275 -3.16 11.13 1.33
CG MSE A 275 -3.49 12.61 1.46
SE MSE A 275 -3.13 13.65 -0.21
CE MSE A 275 -1.36 14.38 0.29
N GLY A 276 -4.00 8.09 -0.32
CA GLY A 276 -3.54 6.71 -0.47
C GLY A 276 -2.38 6.48 -1.41
N GLY A 277 -2.41 7.12 -2.58
CA GLY A 277 -1.28 7.10 -3.49
C GLY A 277 0.07 7.51 -2.88
N VAL A 278 0.15 8.73 -2.39
CA VAL A 278 1.42 9.12 -1.79
C VAL A 278 1.67 8.43 -0.45
N ALA A 279 0.59 8.12 0.27
CA ALA A 279 0.75 7.44 1.56
C ALA A 279 1.47 6.10 1.37
N ALA A 280 1.03 5.33 0.38
CA ALA A 280 1.63 4.04 0.08
C ALA A 280 3.07 4.14 -0.48
N VAL A 281 3.35 5.20 -1.24
CA VAL A 281 4.73 5.43 -1.69
C VAL A 281 5.65 5.66 -0.49
N MSE A 282 5.26 6.57 0.40
CA MSE A 282 5.97 6.84 1.64
C MSE A 282 6.18 5.56 2.43
O MSE A 282 7.29 5.29 2.90
CB MSE A 282 5.18 7.78 2.58
CG MSE A 282 5.05 9.24 2.11
SE MSE A 282 6.77 10.10 1.75
CE MSE A 282 7.60 10.05 3.52
N GLY A 283 5.11 4.79 2.59
CA GLY A 283 5.18 3.56 3.36
C GLY A 283 6.14 2.58 2.73
N THR A 284 6.12 2.50 1.41
CA THR A 284 7.02 1.61 0.68
C THR A 284 8.49 2.04 0.74
N MSE A 285 8.74 3.35 0.66
CA MSE A 285 10.09 3.89 0.78
C MSE A 285 10.64 3.61 2.17
O MSE A 285 11.79 3.23 2.33
CB MSE A 285 10.13 5.40 0.48
CG MSE A 285 9.79 5.81 -0.99
SE MSE A 285 10.90 4.97 -2.39
CE MSE A 285 9.69 3.60 -2.77
N LYS A 286 9.81 3.79 3.20
CA LYS A 286 10.27 3.49 4.54
C LYS A 286 10.63 2.01 4.68
N ALA A 287 9.74 1.13 4.25
CA ALA A 287 10.02 -0.30 4.37
C ALA A 287 11.31 -0.74 3.67
N ILE A 288 11.52 -0.31 2.42
CA ILE A 288 12.70 -0.83 1.73
C ILE A 288 13.98 -0.22 2.30
N ALA A 289 13.87 0.99 2.86
CA ALA A 289 15.02 1.58 3.54
C ALA A 289 15.36 0.80 4.80
N MSE A 290 14.35 0.40 5.56
CA MSE A 290 14.59 -0.41 6.75
C MSE A 290 15.22 -1.77 6.42
O MSE A 290 15.98 -2.30 7.22
CB MSE A 290 13.30 -0.65 7.50
CG MSE A 290 12.75 0.56 8.20
SE MSE A 290 10.95 0.15 8.83
CE MSE A 290 11.40 -1.14 10.24
N LEU A 291 14.85 -2.34 5.28
CA LEU A 291 15.30 -3.68 4.92
C LEU A 291 16.61 -3.57 4.18
N ASN A 292 16.97 -2.33 3.88
CA ASN A 292 18.17 -2.02 3.12
C ASN A 292 18.27 -2.74 1.76
N LEU A 293 17.21 -2.70 0.96
CA LEU A 293 17.18 -3.41 -0.32
C LEU A 293 18.21 -2.93 -1.31
N PRO A 294 18.91 -3.88 -1.94
CA PRO A 294 19.95 -3.54 -2.93
C PRO A 294 19.35 -3.26 -4.32
N VAL A 295 18.45 -2.29 -4.35
CA VAL A 295 17.76 -1.93 -5.59
C VAL A 295 17.63 -0.40 -5.67
N ASN A 296 17.77 0.16 -6.88
CA ASN A 296 17.52 1.59 -7.12
C ASN A 296 16.05 1.91 -7.34
N VAL A 297 15.52 2.83 -6.53
CA VAL A 297 14.10 3.12 -6.58
C VAL A 297 13.90 4.58 -6.34
N VAL A 298 13.01 5.19 -7.11
CA VAL A 298 12.63 6.57 -6.86
C VAL A 298 11.15 6.62 -6.53
N GLY A 299 10.83 7.16 -5.36
CA GLY A 299 9.46 7.43 -4.97
C GLY A 299 9.16 8.86 -5.35
N VAL A 300 8.11 9.06 -6.15
CA VAL A 300 7.77 10.36 -6.65
C VAL A 300 6.37 10.71 -6.21
N MSE A 301 6.17 11.94 -5.79
CA MSE A 301 4.87 12.37 -5.29
C MSE A 301 4.45 13.65 -5.98
O MSE A 301 5.20 14.63 -6.00
CB MSE A 301 4.91 12.59 -3.80
CG MSE A 301 5.49 11.41 -2.99
SE MSE A 301 5.09 11.58 -1.06
CE MSE A 301 5.92 13.31 -0.68
N GLY A 302 3.27 13.61 -6.58
CA GLY A 302 2.67 14.80 -7.14
C GLY A 302 1.75 15.38 -6.09
N LEU A 303 2.10 16.55 -5.57
CA LEU A 303 1.30 17.16 -4.53
C LEU A 303 0.57 18.41 -5.02
N ALA A 304 -0.69 18.54 -4.63
CA ALA A 304 -1.47 19.71 -4.96
C ALA A 304 -2.74 19.75 -4.11
N GLU A 305 -3.42 20.90 -4.08
CA GLU A 305 -4.71 21.00 -3.42
C GLU A 305 -5.79 21.46 -4.42
N ASN A 306 -7.05 21.08 -4.20
CA ASN A 306 -8.15 21.50 -5.09
C ASN A 306 -8.65 22.94 -4.90
N TYR A 313 -10.08 27.29 -13.00
CA TYR A 313 -10.09 25.83 -13.10
C TYR A 313 -11.50 25.27 -13.40
N ARG A 314 -12.28 26.02 -14.17
CA ARG A 314 -13.68 25.67 -14.51
C ARG A 314 -13.82 24.50 -15.47
N PRO A 315 -15.04 23.95 -15.59
CA PRO A 315 -15.34 22.93 -16.60
C PRO A 315 -15.14 23.49 -18.00
N GLY A 316 -14.52 22.72 -18.88
CA GLY A 316 -14.35 23.12 -20.26
C GLY A 316 -13.03 23.78 -20.61
N ASP A 317 -12.16 23.99 -19.62
CA ASP A 317 -10.86 24.60 -19.87
C ASP A 317 -9.92 23.71 -20.66
N VAL A 318 -9.03 24.32 -21.45
CA VAL A 318 -8.01 23.58 -22.21
C VAL A 318 -6.59 23.88 -21.66
N LEU A 319 -5.89 22.83 -21.24
CA LEU A 319 -4.55 22.98 -20.66
C LEU A 319 -3.52 22.37 -21.57
N LYS A 320 -2.29 22.86 -21.51
CA LYS A 320 -1.20 22.21 -22.22
C LYS A 320 -0.33 21.42 -21.26
N SER A 321 -0.34 20.10 -21.39
CA SER A 321 0.53 19.24 -20.60
C SER A 321 1.99 19.46 -20.97
N MSE A 322 2.88 19.02 -20.08
CA MSE A 322 4.32 19.06 -20.32
C MSE A 322 4.64 18.35 -21.62
O MSE A 322 5.41 18.85 -22.43
CB MSE A 322 5.05 18.40 -19.16
CG MSE A 322 6.56 18.32 -19.35
SE MSE A 322 7.41 17.66 -17.72
CE MSE A 322 9.24 17.39 -18.37
N LYS A 323 3.97 17.24 -21.87
CA LYS A 323 4.18 16.49 -23.10
C LYS A 323 3.79 17.32 -24.32
N GLY A 324 2.89 18.28 -24.11
CA GLY A 324 2.42 19.13 -25.18
C GLY A 324 1.07 18.76 -25.73
N ILE A 325 0.51 17.66 -25.24
CA ILE A 325 -0.84 17.27 -25.59
C ILE A 325 -1.76 18.29 -24.93
N THR A 326 -2.81 18.69 -25.62
CA THR A 326 -3.75 19.66 -25.07
C THR A 326 -4.96 18.92 -24.52
N VAL A 327 -5.35 19.27 -23.31
CA VAL A 327 -6.37 18.52 -22.62
C VAL A 327 -7.55 19.41 -22.26
N GLU A 328 -8.74 19.09 -22.77
CA GLU A 328 -9.97 19.73 -22.36
C GLU A 328 -10.43 19.07 -21.07
N VAL A 329 -10.57 19.88 -20.03
CA VAL A 329 -11.01 19.39 -18.74
C VAL A 329 -12.52 19.47 -18.70
N SER A 330 -13.19 18.39 -19.07
CA SER A 330 -14.64 18.41 -19.12
C SER A 330 -15.22 18.10 -17.73
N ASN A 331 -14.48 17.34 -16.94
CA ASN A 331 -14.92 16.95 -15.63
C ASN A 331 -14.06 17.58 -14.56
N THR A 332 -14.62 18.51 -13.81
CA THR A 332 -13.86 19.16 -12.74
C THR A 332 -13.51 18.19 -11.60
N ASP A 333 -14.26 17.12 -11.48
CA ASP A 333 -13.97 16.10 -10.47
C ASP A 333 -12.69 15.31 -10.75
N ALA A 334 -12.30 15.25 -12.02
CA ALA A 334 -11.26 14.36 -12.53
C ALA A 334 -9.87 15.00 -12.52
N GLU A 335 -9.67 15.96 -11.65
CA GLU A 335 -8.41 16.70 -11.54
C GLU A 335 -7.19 15.85 -11.17
N GLY A 336 -7.41 14.74 -10.47
CA GLY A 336 -6.31 13.91 -10.03
C GLY A 336 -5.45 13.36 -11.15
N ARG A 337 -6.07 12.95 -12.24
CA ARG A 337 -5.35 12.44 -13.41
C ARG A 337 -4.46 13.49 -14.06
N LEU A 338 -4.86 14.75 -13.97
CA LEU A 338 -4.09 15.86 -14.56
C LEU A 338 -2.75 16.02 -13.85
N VAL A 339 -2.78 15.84 -12.53
CA VAL A 339 -1.54 15.90 -11.76
C VAL A 339 -0.66 14.73 -12.13
N LEU A 340 -1.25 13.54 -12.24
CA LEU A 340 -0.49 12.35 -12.61
C LEU A 340 0.12 12.37 -14.01
N CYS A 341 -0.55 13.01 -14.97
CA CYS A 341 -0.01 12.97 -16.32
C CYS A 341 1.30 13.79 -16.45
N ASP A 342 1.33 15.01 -15.91
CA ASP A 342 2.56 15.79 -15.95
C ASP A 342 3.72 15.15 -15.17
N THR A 343 3.39 14.48 -14.08
CA THR A 343 4.38 13.84 -13.26
C THR A 343 4.98 12.65 -13.99
N LEU A 344 4.10 11.89 -14.64
CA LEU A 344 4.50 10.75 -15.46
C LEU A 344 5.40 11.17 -16.63
N THR A 345 5.12 12.32 -17.22
CA THR A 345 5.99 12.81 -18.27
C THR A 345 7.36 13.17 -17.69
N TYR A 346 7.34 13.82 -16.53
CA TYR A 346 8.53 14.35 -15.94
C TYR A 346 9.55 13.28 -15.52
N ILE A 347 9.04 12.17 -15.00
CA ILE A 347 9.89 11.12 -14.45
C ILE A 347 10.68 10.37 -15.52
N GLY A 348 10.39 10.67 -16.78
CA GLY A 348 11.07 10.05 -17.90
C GLY A 348 12.56 10.35 -17.86
N LYS A 349 12.93 11.43 -17.18
CA LYS A 349 14.31 11.84 -17.05
C LYS A 349 15.15 10.75 -16.37
N TYR A 350 14.53 10.05 -15.44
CA TYR A 350 15.17 8.95 -14.73
C TYR A 350 15.49 7.77 -15.66
N LYS A 351 14.81 7.70 -16.80
CA LYS A 351 15.04 6.59 -17.72
C LYS A 351 14.78 5.30 -16.99
N PRO A 352 13.65 5.28 -16.28
CA PRO A 352 13.25 4.17 -15.43
C PRO A 352 13.03 2.86 -16.15
N LYS A 353 13.48 1.78 -15.52
CA LYS A 353 13.25 0.44 -16.02
C LYS A 353 11.76 0.08 -15.96
N ALA A 354 11.09 0.55 -14.91
CA ALA A 354 9.67 0.35 -14.75
C ALA A 354 9.07 1.54 -14.04
N VAL A 355 7.81 1.81 -14.32
CA VAL A 355 7.06 2.86 -13.66
C VAL A 355 5.71 2.34 -13.22
N ILE A 356 5.45 2.44 -11.93
CA ILE A 356 4.18 2.03 -11.37
C ILE A 356 3.56 3.22 -10.71
N ASP A 357 2.34 3.57 -11.11
CA ASP A 357 1.67 4.66 -10.41
C ASP A 357 0.52 4.12 -9.57
N LEU A 358 0.18 4.86 -8.52
CA LEU A 358 -0.82 4.43 -7.58
C LEU A 358 -1.70 5.60 -7.31
N ALA A 359 -2.99 5.41 -7.48
CA ALA A 359 -3.89 6.51 -7.38
C ALA A 359 -5.21 5.99 -6.87
N THR A 360 -5.78 6.70 -5.91
CA THR A 360 -7.19 6.51 -5.59
C THR A 360 -7.90 7.31 -6.66
N LEU A 361 -8.15 6.68 -7.80
CA LEU A 361 -8.43 7.45 -9.01
C LEU A 361 -9.91 7.46 -9.40
N THR A 362 -10.60 6.34 -9.25
CA THR A 362 -12.02 6.31 -9.64
C THR A 362 -12.90 5.57 -8.64
N GLY A 363 -14.13 6.06 -8.46
CA GLY A 363 -15.13 5.32 -7.70
C GLY A 363 -15.63 4.07 -8.43
N ALA A 364 -15.57 4.13 -9.77
CA ALA A 364 -15.84 2.98 -10.62
C ALA A 364 -15.10 1.71 -10.16
N MSE A 365 -13.90 1.89 -9.62
CA MSE A 365 -13.09 0.78 -9.17
C MSE A 365 -13.80 0.00 -8.07
O MSE A 365 -13.77 -1.24 -8.02
CB MSE A 365 -11.73 1.30 -8.68
CG MSE A 365 -10.66 0.22 -8.61
SE MSE A 365 -10.67 -0.91 -10.23
CE MSE A 365 -9.94 0.36 -11.50
N ILE A 366 -14.43 0.72 -7.15
CA ILE A 366 -15.11 0.07 -6.05
C ILE A 366 -16.31 -0.76 -6.55
N ILE A 367 -16.96 -0.24 -7.57
CA ILE A 367 -18.06 -0.93 -8.19
C ILE A 367 -17.57 -2.17 -8.94
N SER A 368 -16.47 -2.03 -9.68
CA SER A 368 -15.87 -3.13 -10.40
C SER A 368 -15.33 -4.21 -9.48
N LEU A 369 -14.52 -3.84 -8.51
CA LEU A 369 -13.80 -4.85 -7.74
C LEU A 369 -13.98 -4.83 -6.24
N GLY A 370 -14.61 -3.78 -5.69
CA GLY A 370 -14.69 -3.66 -4.24
C GLY A 370 -13.35 -3.38 -3.56
N ASP A 371 -13.23 -3.72 -2.28
CA ASP A 371 -12.08 -3.33 -1.48
C ASP A 371 -10.94 -4.35 -1.59
N ALA A 372 -11.25 -5.56 -2.03
CA ALA A 372 -10.32 -6.68 -1.96
C ALA A 372 -9.20 -6.60 -2.99
N TYR A 373 -9.47 -5.96 -4.13
CA TYR A 373 -8.47 -5.91 -5.20
C TYR A 373 -8.07 -4.48 -5.51
N SER A 374 -6.80 -4.26 -5.79
CA SER A 374 -6.42 -3.07 -6.51
C SER A 374 -6.58 -3.46 -7.97
N GLY A 375 -7.27 -2.61 -8.75
CA GLY A 375 -7.35 -2.83 -10.17
C GLY A 375 -6.02 -2.43 -10.78
N MSE A 376 -5.50 -3.25 -11.67
CA MSE A 376 -4.32 -2.81 -12.40
C MSE A 376 -4.40 -2.86 -13.92
O MSE A 376 -5.10 -3.68 -14.50
CB MSE A 376 -3.06 -3.45 -11.86
CG MSE A 376 -2.80 -4.77 -12.40
SE MSE A 376 -1.27 -4.76 -13.60
CE MSE A 376 -0.95 -6.68 -13.38
N PHE A 377 -3.65 -1.95 -14.53
CA PHE A 377 -3.56 -1.77 -15.97
C PHE A 377 -2.10 -1.69 -16.30
N ALA A 378 -1.70 -2.25 -17.42
CA ALA A 378 -0.29 -2.26 -17.76
C ALA A 378 -0.12 -2.16 -19.25
N ASN A 379 0.94 -1.53 -19.70
CA ASN A 379 1.23 -1.48 -21.11
C ASN A 379 2.33 -2.50 -21.41
N SER A 380 2.60 -3.31 -20.41
CA SER A 380 3.67 -4.28 -20.52
C SER A 380 3.30 -5.58 -19.82
N ASP A 381 3.29 -6.67 -20.58
CA ASP A 381 2.99 -7.97 -20.01
C ASP A 381 4.05 -8.41 -19.01
N LYS A 382 5.31 -8.10 -19.28
CA LYS A 382 6.34 -8.51 -18.35
C LYS A 382 6.08 -7.89 -16.96
N LEU A 383 5.80 -6.60 -16.94
CA LEU A 383 5.60 -5.89 -15.68
C LEU A 383 4.35 -6.39 -14.97
N ALA A 384 3.25 -6.51 -15.71
CA ALA A 384 2.01 -7.07 -15.19
C ALA A 384 2.24 -8.43 -14.53
N ASN A 385 3.01 -9.28 -15.17
N ASN A 385 3.01 -9.29 -15.17
CA ASN A 385 3.28 -10.59 -14.59
CA ASN A 385 3.32 -10.59 -14.59
C ASN A 385 4.10 -10.54 -13.28
C ASN A 385 4.03 -10.47 -13.24
N SER A 386 5.05 -9.61 -13.18
CA SER A 386 5.79 -9.45 -11.93
C SER A 386 4.89 -8.95 -10.81
N LEU A 387 4.02 -8.00 -11.15
CA LEU A 387 3.06 -7.54 -10.17
C LEU A 387 2.10 -8.64 -9.80
N GLU A 388 1.72 -9.48 -10.74
CA GLU A 388 0.84 -10.58 -10.40
C GLU A 388 1.50 -11.61 -9.47
N GLN A 389 2.80 -11.85 -9.67
CA GLN A 389 3.53 -12.73 -8.77
C GLN A 389 3.64 -12.14 -7.36
N ALA A 390 3.98 -10.86 -7.27
CA ALA A 390 4.03 -10.18 -5.97
C ALA A 390 2.69 -10.26 -5.27
N ALA A 391 1.60 -10.09 -6.02
CA ALA A 391 0.25 -10.16 -5.46
C ALA A 391 -0.06 -11.56 -4.93
N ASN A 392 0.30 -12.58 -5.70
N ASN A 392 0.35 -12.57 -5.69
CA ASN A 392 0.12 -13.94 -5.21
CA ASN A 392 0.17 -13.95 -5.27
C ASN A 392 0.94 -14.17 -3.94
C ASN A 392 1.01 -14.33 -4.05
N ALA A 393 2.21 -13.78 -3.96
CA ALA A 393 3.09 -14.02 -2.81
C ALA A 393 2.57 -13.33 -1.56
N SER A 394 2.25 -12.05 -1.67
CA SER A 394 1.88 -11.29 -0.50
C SER A 394 0.42 -11.40 -0.11
N ASN A 395 -0.41 -11.91 -1.03
CA ASN A 395 -1.86 -11.86 -0.86
C ASN A 395 -2.42 -10.45 -0.72
N ASP A 396 -1.67 -9.48 -1.24
CA ASP A 396 -2.17 -8.12 -1.45
C ASP A 396 -2.74 -8.10 -2.89
N LEU A 397 -4.00 -8.49 -3.04
CA LEU A 397 -4.58 -8.87 -4.32
C LEU A 397 -4.72 -7.78 -5.38
N ILE A 398 -4.36 -8.12 -6.60
CA ILE A 398 -4.59 -7.26 -7.76
C ILE A 398 -5.41 -8.01 -8.82
N TRP A 399 -6.17 -7.28 -9.61
CA TRP A 399 -6.85 -7.89 -10.76
C TRP A 399 -6.56 -7.03 -11.96
N ARG A 400 -5.89 -7.60 -12.97
CA ARG A 400 -5.62 -6.85 -14.20
C ARG A 400 -6.89 -6.60 -15.00
N LEU A 401 -7.07 -5.35 -15.42
CA LEU A 401 -8.18 -4.96 -16.27
C LEU A 401 -7.66 -4.55 -17.64
N PRO A 402 -8.53 -4.57 -18.66
CA PRO A 402 -7.94 -4.46 -19.98
C PRO A 402 -7.71 -3.01 -20.40
N LEU A 403 -6.53 -2.70 -20.90
CA LEU A 403 -6.25 -1.37 -21.40
C LEU A 403 -6.72 -1.27 -22.85
N HIS A 404 -8.04 -1.10 -23.04
CA HIS A 404 -8.69 -1.33 -24.33
C HIS A 404 -8.69 -0.09 -25.22
N LYS A 405 -7.72 -0.01 -26.13
CA LYS A 405 -7.49 1.21 -26.90
C LYS A 405 -8.72 1.79 -27.61
N PRO A 406 -9.64 0.93 -28.09
CA PRO A 406 -10.74 1.65 -28.77
C PRO A 406 -11.50 2.59 -27.86
N TYR A 407 -11.40 2.45 -26.53
CA TYR A 407 -12.14 3.35 -25.66
C TYR A 407 -11.52 4.75 -25.59
N LEU A 408 -10.31 4.90 -26.14
CA LEU A 408 -9.79 6.24 -26.41
C LEU A 408 -10.82 7.14 -27.08
N LYS A 409 -11.74 6.59 -27.89
CA LYS A 409 -12.76 7.43 -28.53
C LYS A 409 -13.63 8.15 -27.51
N LYS A 410 -13.76 7.58 -26.32
CA LYS A 410 -14.65 8.15 -25.33
C LYS A 410 -14.08 9.48 -24.80
N ILE A 411 -12.84 9.76 -25.18
N ILE A 411 -12.83 9.78 -25.11
CA ILE A 411 -12.15 10.92 -24.65
CA ILE A 411 -12.27 11.05 -24.66
C ILE A 411 -11.78 11.90 -25.77
C ILE A 411 -11.70 11.84 -25.83
N GLU A 412 -12.31 11.68 -26.97
CA GLU A 412 -12.03 12.56 -28.06
C GLU A 412 -12.66 13.89 -27.69
N SER A 413 -12.10 14.95 -28.22
CA SER A 413 -12.53 16.27 -27.83
C SER A 413 -12.75 17.07 -29.09
N LYS A 414 -13.79 17.91 -29.10
CA LYS A 414 -14.03 18.82 -30.20
C LYS A 414 -13.00 19.93 -30.30
N VAL A 415 -12.61 20.47 -29.15
CA VAL A 415 -11.71 21.62 -29.08
C VAL A 415 -10.27 21.34 -28.68
N ALA A 416 -9.92 20.09 -28.41
CA ALA A 416 -8.59 19.77 -27.91
C ALA A 416 -8.12 18.40 -28.36
N ASP A 417 -6.87 18.09 -28.07
CA ASP A 417 -6.30 16.82 -28.44
C ASP A 417 -7.09 15.71 -27.78
N MSE A 418 -7.51 15.95 -26.55
CA MSE A 418 -8.24 14.94 -25.82
C MSE A 418 -8.94 15.51 -24.59
O MSE A 418 -8.58 16.59 -24.11
CB MSE A 418 -7.32 13.75 -25.47
CG MSE A 418 -6.38 13.99 -24.31
SE MSE A 418 -5.10 12.51 -24.06
CE MSE A 418 -6.36 11.04 -23.88
N ASP A 419 -9.96 14.80 -24.14
CA ASP A 419 -10.74 15.14 -22.97
C ASP A 419 -10.10 14.41 -21.79
N ASN A 420 -10.47 14.77 -20.57
CA ASN A 420 -9.85 14.10 -19.41
C ASN A 420 -10.69 12.95 -18.87
N CYS A 421 -11.90 12.82 -19.42
CA CYS A 421 -12.93 11.99 -18.84
C CYS A 421 -13.99 11.78 -19.90
N GLY A 422 -14.67 10.65 -19.86
CA GLY A 422 -15.77 10.40 -20.78
C GLY A 422 -17.03 11.16 -20.37
N ARG A 423 -17.99 11.23 -21.29
CA ARG A 423 -19.27 11.89 -21.04
C ARG A 423 -20.19 11.04 -20.16
N ASP A 424 -19.92 9.75 -20.06
CA ASP A 424 -20.64 8.94 -19.08
C ASP A 424 -19.73 8.09 -18.20
N ARG A 425 -20.35 7.24 -17.41
N ARG A 425 -20.31 7.28 -17.33
CA ARG A 425 -19.69 6.50 -16.35
CA ARG A 425 -19.51 6.55 -16.37
C ARG A 425 -19.11 5.16 -16.86
C ARG A 425 -19.09 5.14 -16.86
N SER A 426 -19.42 4.82 -18.11
CA SER A 426 -19.05 3.51 -18.65
C SER A 426 -17.56 3.30 -18.92
N ALA A 427 -17.05 2.17 -18.43
CA ALA A 427 -15.65 1.82 -18.53
C ALA A 427 -14.78 2.95 -17.97
N GLY A 428 -15.37 3.66 -17.01
CA GLY A 428 -14.73 4.75 -16.31
C GLY A 428 -13.27 4.55 -15.91
N SER A 429 -12.97 3.46 -15.19
CA SER A 429 -11.60 3.21 -14.73
C SER A 429 -10.69 2.95 -15.89
N ILE A 430 -11.21 2.25 -16.91
CA ILE A 430 -10.45 1.93 -18.11
C ILE A 430 -10.12 3.21 -18.86
N VAL A 431 -11.13 4.07 -18.97
CA VAL A 431 -10.92 5.36 -19.61
C VAL A 431 -9.83 6.18 -18.89
N ALA A 432 -9.88 6.21 -17.57
CA ALA A 432 -8.88 6.92 -16.80
C ALA A 432 -7.47 6.35 -17.05
N ALA A 433 -7.37 5.03 -17.05
CA ALA A 433 -6.06 4.40 -17.32
C ALA A 433 -5.60 4.75 -18.74
N LEU A 434 -6.53 4.76 -19.70
CA LEU A 434 -6.20 5.11 -21.09
C LEU A 434 -5.69 6.54 -21.23
N PHE A 435 -6.37 7.47 -20.56
CA PHE A 435 -5.88 8.83 -20.49
C PHE A 435 -4.40 8.84 -20.04
N LEU A 436 -4.10 8.15 -18.96
CA LEU A 436 -2.75 8.18 -18.46
C LEU A 436 -1.79 7.51 -19.42
N SER A 437 -2.28 6.48 -20.10
CA SER A 437 -1.43 5.67 -20.96
C SER A 437 -0.91 6.47 -22.13
N LYS A 438 -1.56 7.58 -22.45
CA LYS A 438 -1.05 8.48 -23.49
C LYS A 438 0.25 9.13 -23.06
N PHE A 439 0.56 9.10 -21.75
CA PHE A 439 1.72 9.78 -21.21
C PHE A 439 2.86 8.85 -20.85
N THR A 440 2.64 7.55 -21.00
CA THR A 440 3.60 6.55 -20.53
C THR A 440 4.04 5.59 -21.62
N GLU A 441 3.84 5.94 -22.87
CA GLU A 441 4.14 5.01 -23.95
C GLU A 441 5.64 4.65 -24.04
N ASP A 442 6.51 5.41 -23.38
CA ASP A 442 7.95 5.11 -23.40
C ASP A 442 8.46 4.28 -22.25
N TYR A 443 7.58 3.92 -21.32
CA TYR A 443 7.98 3.16 -20.15
C TYR A 443 7.32 1.83 -20.25
N GLU A 444 7.88 0.84 -19.58
CA GLU A 444 7.09 -0.27 -19.10
C GLU A 444 6.32 0.29 -17.90
N TRP A 445 5.00 0.25 -17.96
CA TRP A 445 4.22 1.02 -17.01
C TRP A 445 3.01 0.25 -16.45
N ALA A 446 2.78 0.36 -15.16
CA ALA A 446 1.54 -0.15 -14.55
C ALA A 446 0.87 0.90 -13.71
N HIS A 447 -0.45 0.82 -13.69
CA HIS A 447 -1.25 1.77 -12.98
C HIS A 447 -2.08 0.94 -12.03
N LEU A 448 -1.99 1.24 -10.73
CA LEU A 448 -2.84 0.62 -9.72
C LEU A 448 -3.89 1.61 -9.25
N ASP A 449 -5.16 1.27 -9.46
CA ASP A 449 -6.23 2.12 -8.99
C ASP A 449 -6.60 1.53 -7.63
N ILE A 450 -6.29 2.27 -6.58
CA ILE A 450 -6.38 1.75 -5.23
C ILE A 450 -7.51 2.38 -4.43
N ALA A 451 -8.41 3.07 -5.10
CA ALA A 451 -9.60 3.62 -4.45
C ALA A 451 -10.28 2.61 -3.53
N GLY A 452 -10.47 1.39 -4.01
CA GLY A 452 -11.06 0.37 -3.15
C GLY A 452 -10.08 -0.18 -2.13
N SER A 453 -8.92 -0.61 -2.61
CA SER A 453 -8.01 -1.37 -1.78
C SER A 453 -7.40 -0.55 -0.63
N ALA A 454 -7.38 0.77 -0.76
CA ALA A 454 -6.71 1.59 0.25
C ALA A 454 -7.63 2.09 1.35
N MSE A 455 -8.92 2.19 1.04
N MSE A 455 -8.91 2.22 1.03
CA MSE A 455 -9.85 2.93 1.86
CA MSE A 455 -9.81 2.94 1.93
C MSE A 455 -10.90 2.07 2.53
C MSE A 455 -11.08 2.17 2.26
O MSE A 455 -11.52 2.51 3.48
O MSE A 455 -12.05 2.78 2.73
CB MSE A 455 -10.57 3.98 1.01
CB MSE A 455 -10.22 4.28 1.33
CG MSE A 455 -9.68 5.04 0.34
CG MSE A 455 -9.19 4.96 0.44
SE MSE A 455 -10.69 6.55 -0.46
SE MSE A 455 -9.94 6.57 -0.40
CE MSE A 455 -11.20 7.51 1.18
CE MSE A 455 -11.45 5.76 -1.35
N GLY A 456 -11.07 0.91 1.88
CA GLY A 456 -12.28 0.09 2.04
C GLY A 456 -13.33 0.53 1.05
N ASP A 457 -14.37 -0.27 0.94
CA ASP A 457 -15.46 0.02 0.00
C ASP A 457 -16.72 0.47 0.74
N ALA A 459 -19.36 -0.96 3.97
CA ALA A 459 -18.95 0.37 4.39
C ALA A 459 -17.96 0.30 5.55
N SER A 460 -16.74 -0.14 5.25
CA SER A 460 -15.70 -0.26 6.25
C SER A 460 -15.00 1.09 6.51
N CYS A 461 -14.76 1.82 5.42
CA CYS A 461 -14.11 3.12 5.51
C CYS A 461 -12.96 3.10 6.52
N LYS A 462 -11.94 2.30 6.22
CA LYS A 462 -10.78 2.20 7.10
C LYS A 462 -9.48 2.13 6.29
N ALA A 463 -8.49 2.92 6.69
CA ALA A 463 -7.20 2.94 6.00
C ALA A 463 -6.54 1.59 6.14
N SER A 464 -6.03 1.05 5.04
CA SER A 464 -5.48 -0.29 5.08
C SER A 464 -3.96 -0.33 4.91
N GLY A 465 -3.38 0.73 4.37
CA GLY A 465 -1.95 0.76 4.16
C GLY A 465 -1.53 0.01 2.92
N ARG A 466 -2.51 -0.42 2.14
CA ARG A 466 -2.26 -1.07 0.86
C ARG A 466 -2.03 -0.02 -0.22
N PRO A 467 -1.36 -0.39 -1.30
CA PRO A 467 -0.74 -1.70 -1.44
C PRO A 467 0.72 -1.72 -1.03
N VAL A 468 1.06 -1.37 0.20
CA VAL A 468 2.46 -1.36 0.60
C VAL A 468 3.06 -2.76 0.55
N PRO A 469 2.29 -3.75 0.99
CA PRO A 469 2.77 -5.12 1.03
C PRO A 469 3.11 -5.67 -0.35
N LEU A 470 2.25 -5.38 -1.32
CA LEU A 470 2.48 -5.79 -2.69
C LEU A 470 3.76 -5.19 -3.23
N LEU A 471 3.92 -3.89 -3.05
CA LEU A 471 5.04 -3.20 -3.62
C LEU A 471 6.37 -3.64 -3.06
N VAL A 472 6.41 -3.93 -1.77
CA VAL A 472 7.64 -4.38 -1.15
C VAL A 472 8.01 -5.77 -1.61
N HIS A 473 7.03 -6.65 -1.79
CA HIS A 473 7.31 -7.96 -2.39
C HIS A 473 7.85 -7.83 -3.79
N TYR A 474 7.24 -6.93 -4.56
CA TYR A 474 7.69 -6.71 -5.93
C TYR A 474 9.13 -6.22 -5.95
N LEU A 475 9.41 -5.21 -5.12
CA LEU A 475 10.75 -4.65 -5.02
C LEU A 475 11.76 -5.66 -4.52
N ILE A 476 11.38 -6.53 -3.60
CA ILE A 476 12.31 -7.53 -3.09
C ILE A 476 12.67 -8.53 -4.19
N SER A 477 11.65 -8.94 -4.91
CA SER A 477 11.83 -9.83 -6.04
C SER A 477 12.75 -9.18 -7.10
N GLN A 478 12.59 -7.88 -7.35
CA GLN A 478 13.44 -7.22 -8.32
C GLN A 478 14.86 -7.11 -7.80
N ALA A 479 15.00 -6.88 -6.50
CA ALA A 479 16.31 -6.78 -5.87
C ALA A 479 17.06 -8.09 -5.94
N LYS A 480 16.37 -9.21 -5.78
CA LYS A 480 17.02 -10.51 -5.88
C LYS A 480 17.49 -10.80 -7.30
N GLU A 481 16.70 -10.40 -8.28
N GLU A 481 16.72 -10.42 -8.31
CA GLU A 481 17.06 -10.58 -9.69
CA GLU A 481 17.17 -10.67 -9.69
C GLU A 481 18.31 -9.78 -10.06
C GLU A 481 18.39 -9.83 -10.01
N ASN A 482 18.62 -8.78 -9.23
CA ASN A 482 19.84 -7.95 -9.36
C ASN A 482 21.16 -8.74 -9.11
N LEU A 483 21.10 -9.71 -8.19
CA LEU A 483 22.27 -10.48 -7.79
C LEU A 483 22.43 -11.77 -8.62
K K B . 20.12 11.17 3.13
C1 EDO C . 15.56 -8.47 2.38
O1 EDO C . 15.07 -9.58 1.62
C2 EDO C . 15.73 -8.89 3.83
O2 EDO C . 16.51 -7.90 4.53
C1 PEG D . 0.82 -30.62 13.95
O1 PEG D . 0.59 -31.77 13.12
C2 PEG D . 2.12 -30.86 14.69
O2 PEG D . 2.33 -29.90 15.72
C3 PEG D . 3.25 -30.40 16.69
C4 PEG D . 4.25 -29.30 17.04
O4 PEG D . 5.14 -29.74 18.06
C1 EDO E . -15.24 3.37 -27.95
O1 EDO E . -16.47 4.00 -27.55
C2 EDO E . -15.48 2.13 -28.81
O2 EDO E . -16.24 1.14 -28.11
CL CL F . 17.15 -8.93 -1.38
K K G . -19.29 5.37 -11.04
CL CL H . -9.14 11.48 -11.23
K K I . -1.06 26.72 -5.59
CL CL J . 9.09 0.54 -23.86
C FMT K . -3.26 -28.70 7.65
O1 FMT K . -2.98 -29.44 8.62
O2 FMT K . -4.08 -28.95 6.76
C FMT L . -1.61 -7.59 2.41
O1 FMT L . -2.57 -6.80 2.28
O2 FMT L . -1.66 -8.83 2.41
C1 EDO M . 9.52 -5.08 -15.87
O1 EDO M . 10.43 -4.10 -16.37
C2 EDO M . 9.67 -5.17 -14.34
O2 EDO M . 8.94 -6.33 -13.93
C1 EDO N . -8.92 6.33 4.37
O1 EDO N . -10.22 5.76 4.26
C2 EDO N . -9.01 7.70 5.06
O2 EDO N . -9.20 7.55 6.49
C1 EDO O . -8.44 -3.68 2.83
O1 EDO O . -8.18 -5.01 2.36
C2 EDO O . -9.07 -2.81 1.74
O2 EDO O . -9.57 -1.57 2.28
CL CL P . 4.42 0.44 13.53
C1 EDO Q . -10.17 2.21 -32.84
O1 EDO Q . -11.35 1.59 -33.37
C2 EDO Q . -9.06 1.22 -32.69
O2 EDO Q . -8.29 1.74 -31.61
C1 EDO R . 2.54 -1.30 16.38
O1 EDO R . 1.45 -0.36 16.33
C2 EDO R . 2.00 -2.68 16.75
O2 EDO R . 1.24 -2.56 17.96
C1 PEG S . -1.39 26.25 -16.00
O1 PEG S . -2.36 25.88 -17.01
C2 PEG S . -0.22 26.96 -16.66
O2 PEG S . 1.03 26.31 -16.37
C3 PEG S . 1.74 25.99 -17.57
C4 PEG S . 3.17 25.55 -17.25
O4 PEG S . 4.05 26.56 -17.73
C FMT T . -7.67 10.64 -28.05
O1 FMT T . -6.61 10.01 -28.19
O2 FMT T . -8.77 10.32 -28.53
C1 EDO U . 7.46 -12.99 -6.14
O1 EDO U . 7.32 -11.61 -6.46
C2 EDO U . 7.31 -12.76 -4.67
O2 EDO U . 7.23 -11.35 -4.79
C1 EDO V . -3.29 25.58 -24.53
O1 EDO V . -3.22 25.83 -25.94
C2 EDO V . -3.91 26.79 -23.83
O2 EDO V . -3.48 26.89 -22.46
C1 EDO W . -13.66 -12.92 24.27
O1 EDO W . -14.28 -14.20 24.48
C2 EDO W . -14.12 -11.94 25.35
O2 EDO W . -12.98 -11.40 26.02
S SO4 X . 18.43 6.56 -9.05
O1 SO4 X . 18.52 7.98 -8.82
O2 SO4 X . 19.75 6.00 -9.19
O3 SO4 X . 17.77 5.91 -7.93
O4 SO4 X . 17.72 6.34 -10.28
CL CL Y . -15.75 7.14 -13.31
#